data_1HC8
#
_entry.id   1HC8
#
_cell.length_a   150.675
_cell.length_b   150.675
_cell.length_c   63.841
_cell.angle_alpha   90.00
_cell.angle_beta   90.00
_cell.angle_gamma   90.00
#
_symmetry.space_group_name_H-M   'P 43 21 2'
#
loop_
_entity.id
_entity.type
_entity.pdbx_description
1 polymer 'RIBOSOMAL PROTEIN L11'
2 polymer '58 NUCLEOTIDE RIBOSOMAL 23S RNA DOMAIN'
3 non-polymer 'MAGNESIUM ION'
4 non-polymer 'POTASSIUM ION'
5 non-polymer 'OSMIUM ION'
6 water water
#
loop_
_entity_poly.entity_id
_entity_poly.type
_entity_poly.pdbx_seq_one_letter_code
_entity_poly.pdbx_strand_id
1 'polypeptide(L)' FTFITKTPPAAVLLKKAAGIESGSGEPNRNKVATIKRDKVREIAELKMPDLNAASIEAAMRMIEGTARSMGIVVEN A,B
2 'polyribonucleotide' (GTP)CCAGGAUGUAGGCUUAGAAGCAGCCAUCAUUUAAAGAAAGCGUAAUAGCUCACUGGU C,D
#
loop_
_chem_comp.id
_chem_comp.type
_chem_comp.name
_chem_comp.formula
A RNA linking ADENOSINE-5'-MONOPHOSPHATE 'C10 H14 N5 O7 P'
C RNA linking CYTIDINE-5'-MONOPHOSPHATE 'C9 H14 N3 O8 P'
G RNA linking GUANOSINE-5'-MONOPHOSPHATE 'C10 H14 N5 O8 P'
GTP non-polymer GUANOSINE-5'-TRIPHOSPHATE 'C10 H16 N5 O14 P3'
K non-polymer 'POTASSIUM ION' 'K 1'
MG non-polymer 'MAGNESIUM ION' 'Mg 2'
OS non-polymer 'OSMIUM ION' 'Os 3'
U RNA linking URIDINE-5'-MONOPHOSPHATE 'C9 H13 N2 O9 P'
#
# COMPACT_ATOMS: atom_id res chain seq x y z
N THR A 2 -4.57 11.04 25.62
CA THR A 2 -4.33 12.41 25.13
C THR A 2 -4.08 12.47 23.61
N PHE A 3 -3.50 11.41 23.06
CA PHE A 3 -3.24 11.38 21.62
C PHE A 3 -4.00 10.21 20.97
N ILE A 4 -4.70 10.49 19.88
CA ILE A 4 -5.48 9.44 19.23
C ILE A 4 -4.71 8.49 18.31
N THR A 5 -4.69 7.24 18.72
CA THR A 5 -4.04 6.17 17.96
C THR A 5 -5.18 5.52 17.18
N LYS A 6 -5.38 5.94 15.94
CA LYS A 6 -6.45 5.35 15.15
C LYS A 6 -5.95 4.13 14.38
N THR A 7 -6.62 3.00 14.60
CA THR A 7 -6.25 1.75 13.94
C THR A 7 -6.72 1.68 12.49
N PRO A 8 -6.06 0.84 11.67
CA PRO A 8 -6.38 0.67 10.24
C PRO A 8 -7.82 0.26 9.98
N PRO A 9 -8.38 0.66 8.82
CA PRO A 9 -9.75 0.33 8.44
C PRO A 9 -9.99 -1.18 8.49
N ALA A 10 -11.20 -1.60 8.88
CA ALA A 10 -11.52 -3.01 8.94
C ALA A 10 -11.14 -3.70 7.62
N ALA A 11 -11.42 -3.03 6.51
CA ALA A 11 -11.13 -3.55 5.17
C ALA A 11 -9.65 -3.88 4.98
N VAL A 12 -8.78 -2.95 5.33
CA VAL A 12 -7.35 -3.16 5.18
C VAL A 12 -6.86 -4.24 6.17
N LEU A 13 -7.55 -4.36 7.30
CA LEU A 13 -7.19 -5.37 8.27
C LEU A 13 -7.57 -6.74 7.74
N LEU A 14 -8.72 -6.80 7.08
CA LEU A 14 -9.23 -8.04 6.49
C LEU A 14 -8.40 -8.45 5.29
N LYS A 15 -7.92 -7.47 4.54
CA LYS A 15 -7.09 -7.74 3.39
C LYS A 15 -5.80 -8.40 3.85
N LYS A 16 -5.20 -7.85 4.89
CA LYS A 16 -3.96 -8.37 5.45
C LYS A 16 -4.14 -9.77 6.00
N ALA A 17 -5.22 -9.98 6.74
CA ALA A 17 -5.50 -11.28 7.32
C ALA A 17 -5.64 -12.34 6.25
N ALA A 18 -6.42 -12.03 5.23
CA ALA A 18 -6.64 -12.96 4.12
C ALA A 18 -5.42 -13.08 3.23
N GLY A 19 -4.52 -12.10 3.34
CA GLY A 19 -3.32 -12.12 2.53
C GLY A 19 -3.58 -11.82 1.08
N ILE A 20 -4.30 -10.72 0.81
CA ILE A 20 -4.59 -10.33 -0.56
C ILE A 20 -4.33 -8.84 -0.73
N GLU A 21 -4.37 -8.36 -1.97
CA GLU A 21 -4.10 -6.96 -2.25
C GLU A 21 -5.36 -6.17 -2.55
N SER A 22 -6.45 -6.86 -2.84
CA SER A 22 -7.68 -6.16 -3.13
C SER A 22 -8.94 -7.03 -3.03
N GLY A 23 -10.06 -6.40 -2.73
CA GLY A 23 -11.31 -7.11 -2.61
C GLY A 23 -11.95 -7.46 -3.94
N SER A 24 -13.04 -8.21 -3.89
CA SER A 24 -13.77 -8.62 -5.08
C SER A 24 -14.53 -7.47 -5.72
N GLY A 25 -14.69 -7.52 -7.04
CA GLY A 25 -15.42 -6.47 -7.72
C GLY A 25 -16.88 -6.85 -7.69
N GLU A 26 -17.11 -8.11 -7.36
CA GLU A 26 -18.46 -8.67 -7.26
C GLU A 26 -18.42 -9.53 -6.00
N PRO A 27 -18.61 -8.90 -4.82
CA PRO A 27 -18.59 -9.57 -3.52
C PRO A 27 -19.39 -10.87 -3.45
N ASN A 28 -20.61 -10.82 -3.97
CA ASN A 28 -21.52 -11.96 -3.97
C ASN A 28 -21.12 -13.09 -4.88
N ARG A 29 -20.76 -12.76 -6.12
CA ARG A 29 -20.38 -13.77 -7.11
C ARG A 29 -18.95 -14.31 -6.96
N ASN A 30 -17.98 -13.39 -6.84
CA ASN A 30 -16.57 -13.81 -6.75
C ASN A 30 -15.89 -13.64 -5.41
N LYS A 31 -15.86 -14.72 -4.64
CA LYS A 31 -15.19 -14.63 -3.35
C LYS A 31 -13.68 -14.68 -3.57
N VAL A 32 -12.88 -13.86 -2.92
CA VAL A 32 -11.46 -13.95 -3.26
C VAL A 32 -10.61 -14.39 -2.05
N ALA A 33 -11.32 -14.86 -1.02
CA ALA A 33 -10.65 -15.26 0.20
C ALA A 33 -11.59 -15.84 1.25
N THR A 34 -11.05 -16.85 1.96
CA THR A 34 -11.82 -17.48 3.05
C THR A 34 -11.03 -17.68 4.37
N ILE A 35 -11.27 -16.78 5.32
CA ILE A 35 -10.59 -16.82 6.60
C ILE A 35 -11.45 -17.46 7.68
N LYS A 36 -10.86 -17.71 8.82
CA LYS A 36 -11.58 -18.31 9.92
C LYS A 36 -12.01 -17.25 10.92
N ARG A 37 -12.97 -17.58 11.76
CA ARG A 37 -13.46 -16.63 12.76
C ARG A 37 -12.39 -16.23 13.77
N ASP A 38 -11.54 -17.16 14.16
CA ASP A 38 -10.48 -16.84 15.11
C ASP A 38 -9.81 -15.55 14.69
N LYS A 39 -9.74 -15.32 13.38
CA LYS A 39 -9.15 -14.10 12.85
C LYS A 39 -10.14 -12.96 12.94
N VAL A 40 -11.34 -13.16 12.42
CA VAL A 40 -12.36 -12.10 12.49
C VAL A 40 -12.42 -11.60 13.93
N ARG A 41 -12.22 -12.52 14.87
CA ARG A 41 -12.25 -12.18 16.29
C ARG A 41 -11.08 -11.29 16.67
N GLU A 42 -9.88 -11.64 16.19
CA GLU A 42 -8.70 -10.84 16.49
C GLU A 42 -8.83 -9.42 15.95
N ILE A 43 -9.44 -9.31 14.78
CA ILE A 43 -9.64 -8.00 14.16
C ILE A 43 -10.58 -7.17 15.02
N ALA A 44 -11.66 -7.79 15.47
CA ALA A 44 -12.66 -7.11 16.30
C ALA A 44 -12.07 -6.69 17.64
N GLU A 45 -10.97 -7.32 18.04
CA GLU A 45 -10.34 -6.99 19.31
C GLU A 45 -9.42 -5.80 19.15
N LEU A 46 -8.67 -5.78 18.04
CA LEU A 46 -7.75 -4.69 17.79
C LEU A 46 -8.51 -3.42 17.40
N LYS A 47 -9.53 -3.60 16.57
CA LYS A 47 -10.34 -2.50 16.07
C LYS A 47 -11.35 -2.00 17.13
N MET A 48 -11.39 -2.69 18.26
CA MET A 48 -12.32 -2.38 19.36
C MET A 48 -12.42 -0.94 19.84
N PRO A 49 -11.28 -0.24 19.96
CA PRO A 49 -11.35 1.15 20.41
C PRO A 49 -12.18 2.01 19.47
N ASP A 50 -11.99 1.82 18.17
CA ASP A 50 -12.73 2.59 17.19
C ASP A 50 -14.15 2.07 16.93
N LEU A 51 -14.56 1.03 17.65
CA LEU A 51 -15.91 0.47 17.47
C LEU A 51 -16.84 0.89 18.60
N ASN A 52 -18.14 0.92 18.33
CA ASN A 52 -19.11 1.30 19.35
C ASN A 52 -19.91 0.10 19.81
N ALA A 53 -19.29 -1.08 19.68
CA ALA A 53 -19.94 -2.33 20.07
C ALA A 53 -20.08 -2.43 21.58
N ALA A 54 -20.99 -3.31 22.01
CA ALA A 54 -21.23 -3.54 23.44
C ALA A 54 -20.64 -4.89 23.83
N SER A 55 -19.91 -5.52 22.91
CA SER A 55 -19.28 -6.82 23.14
C SER A 55 -18.55 -7.29 21.88
N ILE A 56 -17.61 -8.22 22.06
CA ILE A 56 -16.85 -8.74 20.93
C ILE A 56 -17.71 -9.34 19.83
N GLU A 57 -18.64 -10.23 20.17
CA GLU A 57 -19.49 -10.81 19.13
C GLU A 57 -20.18 -9.75 18.28
N ALA A 58 -20.54 -8.63 18.90
CA ALA A 58 -21.20 -7.54 18.16
C ALA A 58 -20.15 -6.87 17.28
N ALA A 59 -18.94 -6.78 17.81
CA ALA A 59 -17.83 -6.20 17.08
C ALA A 59 -17.57 -7.04 15.84
N MET A 60 -17.55 -8.37 16.02
CA MET A 60 -17.31 -9.28 14.91
C MET A 60 -18.41 -9.16 13.85
N ARG A 61 -19.65 -8.96 14.30
CA ARG A 61 -20.78 -8.80 13.39
C ARG A 61 -20.45 -7.73 12.35
N MET A 62 -19.97 -6.59 12.83
CA MET A 62 -19.59 -5.49 11.96
C MET A 62 -18.43 -5.91 11.05
N ILE A 63 -17.38 -6.46 11.66
CA ILE A 63 -16.22 -6.87 10.91
C ILE A 63 -16.59 -7.86 9.82
N GLU A 64 -17.50 -8.77 10.13
CA GLU A 64 -17.92 -9.78 9.16
C GLU A 64 -18.78 -9.13 8.09
N GLY A 65 -19.44 -8.04 8.44
CA GLY A 65 -20.28 -7.31 7.49
C GLY A 65 -19.42 -6.63 6.45
N THR A 66 -18.24 -6.19 6.87
CA THR A 66 -17.32 -5.55 5.95
C THR A 66 -16.68 -6.63 5.06
N ALA A 67 -16.57 -7.84 5.60
CA ALA A 67 -15.98 -8.95 4.85
C ALA A 67 -16.96 -9.39 3.78
N ARG A 68 -18.24 -9.15 4.02
CA ARG A 68 -19.25 -9.54 3.04
C ARG A 68 -19.26 -8.58 1.87
N SER A 69 -18.91 -7.32 2.12
CA SER A 69 -18.90 -6.32 1.07
C SER A 69 -17.70 -6.42 0.14
N MET A 70 -16.68 -7.16 0.55
CA MET A 70 -15.50 -7.28 -0.29
C MET A 70 -15.22 -8.69 -0.81
N GLY A 71 -16.10 -9.63 -0.49
CA GLY A 71 -15.93 -10.98 -0.98
C GLY A 71 -15.07 -11.93 -0.17
N ILE A 72 -14.98 -11.73 1.13
CA ILE A 72 -14.19 -12.63 1.96
C ILE A 72 -15.15 -13.54 2.74
N VAL A 73 -14.78 -14.82 2.86
CA VAL A 73 -15.60 -15.82 3.54
C VAL A 73 -15.04 -16.26 4.87
N VAL A 74 -15.91 -16.29 5.88
CA VAL A 74 -15.50 -16.71 7.23
C VAL A 74 -16.07 -18.08 7.57
N GLU A 75 -15.28 -18.90 8.25
CA GLU A 75 -15.70 -20.24 8.65
C GLU A 75 -15.18 -20.56 10.05
N LYS B 6 18.91 4.69 -26.26
CA LYS B 6 17.97 4.81 -25.11
C LYS B 6 18.73 5.22 -23.87
N THR B 7 18.12 6.09 -23.06
CA THR B 7 18.74 6.57 -21.83
C THR B 7 18.73 5.48 -20.77
N PRO B 8 19.57 5.62 -19.73
CA PRO B 8 19.66 4.64 -18.65
C PRO B 8 18.31 4.42 -17.94
N PRO B 9 18.15 3.26 -17.28
CA PRO B 9 16.92 2.93 -16.55
C PRO B 9 16.71 3.89 -15.41
N ALA B 10 15.44 4.12 -15.07
CA ALA B 10 15.06 5.03 -13.99
C ALA B 10 15.73 4.62 -12.67
N ALA B 11 15.72 3.32 -12.41
CA ALA B 11 16.30 2.75 -11.19
C ALA B 11 17.78 3.09 -11.04
N VAL B 12 18.55 2.87 -12.10
CA VAL B 12 19.99 3.15 -12.05
C VAL B 12 20.26 4.64 -11.91
N LEU B 13 19.43 5.48 -12.53
CA LEU B 13 19.62 6.92 -12.40
C LEU B 13 19.37 7.27 -10.94
N LEU B 14 18.29 6.72 -10.40
CA LEU B 14 17.93 6.97 -9.00
C LEU B 14 19.03 6.54 -8.04
N LYS B 15 19.54 5.32 -8.19
CA LYS B 15 20.60 4.84 -7.32
C LYS B 15 21.73 5.84 -7.38
N LYS B 16 22.12 6.18 -8.61
CA LYS B 16 23.19 7.14 -8.83
C LYS B 16 22.88 8.46 -8.14
N ALA B 17 21.64 8.92 -8.26
CA ALA B 17 21.25 10.17 -7.64
C ALA B 17 21.36 10.10 -6.12
N ALA B 18 21.13 8.91 -5.56
CA ALA B 18 21.19 8.72 -4.12
C ALA B 18 22.53 8.20 -3.63
N GLY B 19 23.44 7.96 -4.56
CA GLY B 19 24.76 7.44 -4.20
C GLY B 19 24.74 6.07 -3.56
N ILE B 20 23.76 5.25 -3.92
CA ILE B 20 23.64 3.91 -3.36
C ILE B 20 23.85 2.87 -4.47
N GLU B 21 24.04 1.63 -4.07
CA GLU B 21 24.26 0.54 -5.03
C GLU B 21 23.08 -0.42 -5.14
N SER B 22 22.29 -0.51 -4.08
CA SER B 22 21.13 -1.41 -4.05
C SER B 22 19.86 -0.77 -3.51
N GLY B 23 18.72 -1.19 -4.05
CA GLY B 23 17.46 -0.68 -3.57
C GLY B 23 17.10 -1.51 -2.36
N SER B 24 16.05 -1.12 -1.66
CA SER B 24 15.63 -1.86 -0.48
C SER B 24 14.97 -3.19 -0.80
N GLY B 25 15.19 -4.17 0.07
CA GLY B 25 14.57 -5.46 -0.13
C GLY B 25 13.14 -5.39 0.37
N GLU B 26 12.86 -4.41 1.22
CA GLU B 26 11.52 -4.21 1.78
C GLU B 26 11.19 -2.73 1.65
N PRO B 27 11.00 -2.23 0.41
CA PRO B 27 10.69 -0.85 0.02
C PRO B 27 9.72 -0.12 0.94
N ASN B 28 8.59 -0.75 1.24
CA ASN B 28 7.58 -0.14 2.09
C ASN B 28 8.12 0.34 3.44
N ARG B 29 8.80 -0.54 4.17
CA ARG B 29 9.32 -0.14 5.47
C ARG B 29 10.80 0.24 5.56
N ASN B 30 11.69 -0.61 5.06
CA ASN B 30 13.11 -0.29 5.12
C ASN B 30 13.60 0.61 4.02
N LYS B 31 13.64 1.91 4.28
CA LYS B 31 14.13 2.87 3.30
C LYS B 31 15.65 2.71 3.19
N VAL B 32 16.23 3.25 2.13
CA VAL B 32 17.66 3.11 1.92
C VAL B 32 18.33 4.40 1.47
N ALA B 33 17.54 5.47 1.33
CA ALA B 33 18.07 6.77 0.91
C ALA B 33 16.95 7.79 0.71
N THR B 34 17.33 9.06 0.70
CA THR B 34 16.38 10.16 0.49
C THR B 34 16.86 11.09 -0.61
N ILE B 35 15.92 11.53 -1.43
CA ILE B 35 16.20 12.39 -2.56
C ILE B 35 15.31 13.63 -2.59
N LYS B 36 15.84 14.72 -3.13
CA LYS B 36 15.10 15.98 -3.24
C LYS B 36 14.31 15.95 -4.54
N ARG B 37 13.06 16.39 -4.49
CA ARG B 37 12.21 16.39 -5.68
C ARG B 37 12.86 17.03 -6.90
N ASP B 38 13.99 17.70 -6.70
CA ASP B 38 14.69 18.36 -7.79
C ASP B 38 15.47 17.36 -8.62
N LYS B 39 15.98 16.31 -7.97
CA LYS B 39 16.72 15.29 -8.69
C LYS B 39 15.70 14.53 -9.54
N VAL B 40 14.48 14.44 -9.03
CA VAL B 40 13.43 13.75 -9.76
C VAL B 40 13.08 14.54 -11.02
N ARG B 41 13.19 15.86 -10.95
CA ARG B 41 12.90 16.71 -12.09
C ARG B 41 13.96 16.48 -13.17
N GLU B 42 15.21 16.38 -12.74
CA GLU B 42 16.33 16.14 -13.65
C GLU B 42 16.17 14.78 -14.34
N ILE B 43 16.09 13.73 -13.52
CA ILE B 43 15.94 12.38 -14.06
C ILE B 43 14.73 12.30 -14.97
N ALA B 44 13.70 13.08 -14.63
CA ALA B 44 12.49 13.09 -15.44
C ALA B 44 12.83 13.66 -16.81
N GLU B 45 13.47 14.83 -16.81
CA GLU B 45 13.84 15.50 -18.04
C GLU B 45 14.85 14.71 -18.86
N LEU B 46 15.79 14.06 -18.20
CA LEU B 46 16.80 13.30 -18.92
C LEU B 46 16.19 12.15 -19.70
N LYS B 47 15.18 11.50 -19.12
CA LYS B 47 14.54 10.34 -19.75
C LYS B 47 13.38 10.59 -20.69
N MET B 48 12.83 11.80 -20.66
CA MET B 48 11.68 12.18 -21.48
C MET B 48 11.57 11.58 -22.89
N PRO B 49 12.65 11.54 -23.65
CA PRO B 49 12.48 10.95 -24.98
C PRO B 49 12.18 9.45 -24.95
N ASP B 50 12.37 8.82 -23.79
CA ASP B 50 12.12 7.40 -23.64
C ASP B 50 10.79 7.15 -22.90
N LEU B 51 10.13 8.23 -22.54
CA LEU B 51 8.87 8.14 -21.82
C LEU B 51 7.72 8.43 -22.77
N ASN B 52 6.50 8.29 -22.27
CA ASN B 52 5.32 8.56 -23.06
C ASN B 52 4.49 9.64 -22.36
N ALA B 53 5.11 10.31 -21.40
CA ALA B 53 4.44 11.37 -20.66
C ALA B 53 4.17 12.56 -21.54
N ALA B 54 3.03 13.22 -21.34
CA ALA B 54 2.68 14.39 -22.12
C ALA B 54 3.08 15.67 -21.42
N SER B 55 3.70 15.54 -20.25
CA SER B 55 4.15 16.70 -19.48
C SER B 55 5.24 16.26 -18.53
N ILE B 56 6.03 17.20 -18.01
CA ILE B 56 7.09 16.83 -17.07
C ILE B 56 6.38 16.40 -15.79
N GLU B 57 5.15 16.86 -15.64
CA GLU B 57 4.30 16.58 -14.49
C GLU B 57 4.04 15.07 -14.36
N ALA B 58 3.69 14.43 -15.48
CA ALA B 58 3.39 13.00 -15.51
C ALA B 58 4.66 12.14 -15.52
N ALA B 59 5.77 12.76 -15.93
CA ALA B 59 7.06 12.08 -15.99
C ALA B 59 7.59 11.90 -14.58
N MET B 60 7.73 12.99 -13.84
CA MET B 60 8.23 12.93 -12.47
C MET B 60 7.45 11.93 -11.65
N ARG B 61 6.15 11.80 -11.94
CA ARG B 61 5.33 10.84 -11.22
C ARG B 61 5.83 9.45 -11.46
N MET B 62 6.24 9.17 -12.69
CA MET B 62 6.74 7.85 -13.02
C MET B 62 8.04 7.55 -12.31
N ILE B 63 8.96 8.50 -12.34
CA ILE B 63 10.24 8.31 -11.69
C ILE B 63 10.03 8.13 -10.20
N GLU B 64 8.95 8.71 -9.68
CA GLU B 64 8.65 8.57 -8.26
C GLU B 64 8.01 7.21 -8.00
N GLY B 65 7.28 6.70 -8.98
CA GLY B 65 6.66 5.39 -8.83
C GLY B 65 7.72 4.30 -8.80
N THR B 66 8.81 4.55 -9.51
CA THR B 66 9.90 3.60 -9.57
C THR B 66 10.66 3.70 -8.26
N ALA B 67 10.77 4.92 -7.74
CA ALA B 67 11.48 5.14 -6.48
C ALA B 67 10.75 4.49 -5.31
N ARG B 68 9.43 4.59 -5.28
CA ARG B 68 8.68 3.98 -4.18
C ARG B 68 8.85 2.46 -4.14
N SER B 69 9.38 1.89 -5.22
CA SER B 69 9.56 0.44 -5.26
C SER B 69 10.99 0.04 -4.86
N MET B 70 11.86 1.04 -4.69
CA MET B 70 13.25 0.82 -4.29
C MET B 70 13.44 1.25 -2.84
N GLY B 71 12.46 1.94 -2.29
CA GLY B 71 12.58 2.41 -0.94
C GLY B 71 13.37 3.69 -0.89
N ILE B 72 13.16 4.56 -1.89
CA ILE B 72 13.84 5.84 -1.93
C ILE B 72 12.75 6.86 -1.74
N VAL B 73 12.96 7.84 -0.88
CA VAL B 73 11.94 8.85 -0.66
C VAL B 73 12.23 10.13 -1.42
N VAL B 74 11.16 10.81 -1.80
CA VAL B 74 11.26 12.08 -2.49
C VAL B 74 10.88 13.13 -1.45
N GLU B 75 11.75 14.11 -1.27
CA GLU B 75 11.50 15.17 -0.30
C GLU B 75 11.37 16.54 -1.00
PG GTP C 1 -46.58 15.55 6.41
O1G GTP C 1 -45.51 14.72 7.20
O2G GTP C 1 -46.43 15.31 4.87
O3G GTP C 1 -48.01 15.11 6.80
O3B GTP C 1 -46.34 17.15 6.83
PB GTP C 1 -46.22 17.80 8.34
O1B GTP C 1 -47.53 18.21 8.83
O2B GTP C 1 -45.44 16.77 9.15
O3A GTP C 1 -45.31 19.07 8.23
PA GTP C 1 -44.73 19.98 7.11
O1A GTP C 1 -43.24 19.97 7.15
O2A GTP C 1 -45.43 19.82 5.85
O5' GTP C 1 -45.11 21.39 7.84
C5' GTP C 1 -45.11 22.66 7.23
C4' GTP C 1 -45.26 23.71 8.33
O4' GTP C 1 -46.34 23.33 9.24
C3' GTP C 1 -44.03 23.83 9.20
O3' GTP C 1 -43.08 24.71 8.65
C2' GTP C 1 -44.60 24.30 10.52
O2' GTP C 1 -44.74 25.71 10.51
C1' GTP C 1 -45.96 23.63 10.59
N9 GTP C 1 -45.93 22.38 11.37
C8 GTP C 1 -46.14 21.08 10.90
N7 GTP C 1 -45.84 20.16 11.79
C5 GTP C 1 -45.58 20.88 12.95
C6 GTP C 1 -45.25 20.46 14.26
O6 GTP C 1 -45.08 19.32 14.67
N1 GTP C 1 -45.12 21.54 15.16
C2 GTP C 1 -45.27 22.88 14.84
N2 GTP C 1 -45.11 23.74 15.80
N3 GTP C 1 -45.55 23.29 13.61
C4 GTP C 1 -45.69 22.27 12.71
PG GTP D 1 -18.01 -15.23 -22.69
O1G GTP D 1 -18.92 -16.25 -23.44
O2G GTP D 1 -18.79 -14.49 -21.56
O3G GTP D 1 -16.83 -15.96 -22.00
O3B GTP D 1 -17.42 -14.19 -23.83
PB GTP D 1 -17.38 -14.39 -25.46
O1B GTP D 1 -18.61 -13.91 -26.08
O2B GTP D 1 -16.04 -13.78 -25.91
O3A GTP D 1 -17.28 -15.93 -25.71
PA GTP D 1 -16.16 -17.04 -25.61
O1A GTP D 1 -14.92 -16.56 -26.27
O2A GTP D 1 -16.11 -17.67 -24.31
O5' GTP D 1 -16.82 -18.01 -26.73
C5' GTP D 1 -16.13 -19.03 -27.40
C4' GTP D 1 -16.60 -19.09 -28.84
O4' GTP D 1 -17.86 -18.39 -29.02
C3' GTP D 1 -15.64 -18.42 -29.79
O3' GTP D 1 -14.66 -19.33 -30.22
C2' GTP D 1 -16.50 -17.93 -30.92
O2' GTP D 1 -16.61 -18.93 -31.93
C1' GTP D 1 -17.86 -17.68 -30.27
N9 GTP D 1 -18.12 -16.27 -30.01
C8 GTP D 1 -18.24 -15.67 -28.78
N7 GTP D 1 -18.28 -14.36 -28.85
C5 GTP D 1 -18.26 -14.09 -30.20
C6 GTP D 1 -18.26 -12.88 -30.90
O6 GTP D 1 -18.22 -11.76 -30.42
N1 GTP D 1 -18.30 -13.06 -32.30
C2 GTP D 1 -18.36 -14.27 -32.94
N2 GTP D 1 -18.41 -14.26 -34.24
N3 GTP D 1 -18.36 -15.44 -32.30
C4 GTP D 1 -18.26 -15.28 -30.95
MG MG E . -22.11 4.88 8.08
MG MG F . -25.29 13.59 5.58
MG MG G . -19.62 13.02 5.03
K K H . -18.98 7.99 -5.23
MG MG I . -19.55 4.51 -3.29
MG MG J . -35.34 19.14 9.91
MG MG K . -10.17 -0.09 -16.34
MG MG L . -48.48 18.99 6.31
MG MG M . -20.74 13.19 -6.65
MG MG N . -8.08 6.45 0.81
OS OS O . -31.13 -0.75 11.40
OS OS P . -28.69 19.75 11.31
MG MG Q . -11.82 3.80 -0.91
MG MG R . 5.22 -2.72 -17.56
MG MG S . 3.05 -11.43 -22.49
MG MG T . 8.06 -9.76 -22.29
K K U . 10.96 -13.82 -11.94
MG MG V . 9.92 -10.25 -9.95
MG MG W . -20.30 -12.35 -26.67
MG MG X . 9.04 -5.04 -21.92
MG MG Y . -19.72 -18.14 -23.96
MG MG Z . 9.86 -18.73 -14.55
MG MG AA . -7.51 -12.56 -28.89
MG MG BA . 16.68 -7.27 -12.92
OS OS CA . -4.94 2.19 -15.47
OS OS DA . -1.54 -11.57 -30.70
MG MG EA . 13.49 -6.98 -10.90
#